data_3PA3
#
_entry.id   3PA3
#
_cell.length_a   44.910
_cell.length_b   65.890
_cell.length_c   58.180
_cell.angle_alpha   90.00
_cell.angle_beta   94.26
_cell.angle_gamma   90.00
#
_symmetry.space_group_name_H-M   'P 1 21 1'
#
loop_
_entity.id
_entity.type
_entity.pdbx_description
1 polymer 'Serine/threonine-protein kinase Chk1'
2 non-polymer 2-(4-chlorophenyl)-4-[(3S)-piperidin-3-ylamino]thieno[2,3-d]pyridazine-7-carboxamide
3 water water
#
_entity_poly.entity_id   1
_entity_poly.type   'polypeptide(L)'
_entity_poly.pdbx_seq_one_letter_code
;AVPFVEDWDLVQTLGEGAYGEVQLAVNRVTEEAVAVKIVDMKRAVDCPENIKKEICINKMLNHENVVKFYGHRREGNIQY
LFLEYCSGGELFDRIEPDIGMPEPDAQRFFHQLMAGVVYLHGIGITHRDIKPENLLLDERDNLKISDFGLATVFRYNNRE
RLLNKMCGTLPYVAPELLKRREFHAEPVDVWSCGIVLTAMLAGELPWDQPSDSCQEYSDWKEKKTYLNPWKKIDSAPLAL
LHKILVENPSARITIPDIKKDRWYNKPLKKGAK
;
_entity_poly.pdbx_strand_id   A
#
loop_
_chem_comp.id
_chem_comp.type
_chem_comp.name
_chem_comp.formula
C70 non-polymer 2-(4-chlorophenyl)-4-[(3S)-piperidin-3-ylamino]thieno[2,3-d]pyridazine-7-carboxamide 'C18 H18 Cl N5 O S'
#
# COMPACT_ATOMS: atom_id res chain seq x y z
C PRO A 3 30.72 -0.19 22.71
N PHE A 4 29.49 0.21 23.03
CA PHE A 4 28.87 1.40 22.45
C PHE A 4 28.00 1.06 21.24
N VAL A 5 28.10 -0.18 20.76
CA VAL A 5 27.36 -0.59 19.56
C VAL A 5 25.84 -0.58 19.72
N GLU A 6 25.37 -0.35 20.94
CA GLU A 6 23.94 -0.32 21.19
C GLU A 6 23.45 1.13 21.36
N ASP A 7 24.31 2.08 20.99
CA ASP A 7 23.98 3.50 21.09
C ASP A 7 23.60 4.12 19.75
N TRP A 8 22.49 4.87 19.76
CA TRP A 8 21.96 5.50 18.56
C TRP A 8 21.71 6.99 18.75
N ASP A 9 21.96 7.75 17.70
CA ASP A 9 21.73 9.18 17.71
C ASP A 9 20.51 9.46 16.81
N LEU A 10 19.57 10.25 17.30
CA LEU A 10 18.40 10.64 16.52
C LEU A 10 18.83 11.89 15.78
N VAL A 11 19.00 11.77 14.47
CA VAL A 11 19.53 12.88 13.66
C VAL A 11 18.54 13.74 12.90
N GLN A 12 17.39 13.20 12.53
CA GLN A 12 16.42 13.98 11.76
C GLN A 12 15.01 13.42 11.78
N THR A 13 14.03 14.31 11.63
CA THR A 13 12.63 13.91 11.59
C THR A 13 12.26 13.51 10.16
N LEU A 14 11.75 12.31 10.00
CA LEU A 14 11.41 11.78 8.68
C LEU A 14 9.95 11.94 8.29
N GLY A 15 9.06 11.64 9.23
CA GLY A 15 7.64 11.74 8.96
C GLY A 15 6.82 11.85 10.22
N GLU A 16 5.51 11.73 10.07
CA GLU A 16 4.61 11.84 11.19
C GLU A 16 3.37 11.00 10.92
N GLY A 17 3.10 10.06 11.83
CA GLY A 17 1.93 9.22 11.71
C GLY A 17 0.82 9.87 12.53
N ALA A 18 -0.33 9.21 12.61
CA ALA A 18 -1.44 9.75 13.37
C ALA A 18 -1.17 9.54 14.85
N TYR A 19 -0.08 8.84 15.13
CA TYR A 19 0.31 8.52 16.50
C TYR A 19 1.49 9.34 17.02
N GLY A 20 2.38 9.75 16.11
CA GLY A 20 3.54 10.51 16.55
C GLY A 20 4.42 11.00 15.40
N GLU A 21 5.65 10.50 15.36
CA GLU A 21 6.61 10.91 14.36
C GLU A 21 7.59 9.77 14.03
N VAL A 22 8.27 9.90 12.90
CA VAL A 22 9.27 8.94 12.49
C VAL A 22 10.58 9.70 12.43
N GLN A 23 11.58 9.18 13.12
CA GLN A 23 12.86 9.85 13.16
C GLN A 23 13.95 8.92 12.63
N LEU A 24 15.01 9.51 12.13
CA LEU A 24 16.13 8.74 11.63
C LEU A 24 17.16 8.56 12.74
N ALA A 25 17.52 7.30 13.01
CA ALA A 25 18.53 7.00 14.03
C ALA A 25 19.77 6.43 13.36
N VAL A 26 20.95 6.84 13.83
CA VAL A 26 22.21 6.36 13.27
C VAL A 26 23.05 5.77 14.38
N ASN A 27 23.56 4.56 14.15
CA ASN A 27 24.36 3.88 15.15
C ASN A 27 25.70 4.60 15.31
N ARG A 28 26.00 4.89 16.56
CA ARG A 28 27.20 5.59 17.00
C ARG A 28 28.50 4.93 16.50
N VAL A 29 28.52 3.60 16.47
CA VAL A 29 29.69 2.83 16.06
C VAL A 29 29.68 2.46 14.58
N THR A 30 28.61 1.79 14.14
CA THR A 30 28.53 1.26 12.77
C THR A 30 28.02 2.22 11.71
N GLU A 31 27.34 3.28 12.14
CA GLU A 31 26.72 4.23 11.25
C GLU A 31 25.53 3.66 10.49
N GLU A 32 25.07 2.49 10.93
CA GLU A 32 23.87 1.89 10.34
C GLU A 32 22.71 2.82 10.66
N ALA A 33 21.78 2.95 9.73
CA ALA A 33 20.64 3.82 9.94
C ALA A 33 19.37 3.00 10.09
N VAL A 34 18.48 3.45 10.97
CA VAL A 34 17.21 2.77 11.19
C VAL A 34 16.15 3.81 11.44
N ALA A 35 14.94 3.57 10.96
CA ALA A 35 13.85 4.51 11.20
C ALA A 35 13.20 4.18 12.54
N VAL A 36 12.91 5.22 13.32
CA VAL A 36 12.28 5.03 14.63
C VAL A 36 10.90 5.63 14.63
N LYS A 37 9.87 4.79 14.78
CA LYS A 37 8.50 5.25 14.82
C LYS A 37 8.13 5.54 16.26
N ILE A 38 7.70 6.77 16.52
CA ILE A 38 7.33 7.17 17.88
C ILE A 38 5.83 7.38 18.00
N VAL A 39 5.19 6.54 18.82
CA VAL A 39 3.75 6.63 19.01
C VAL A 39 3.40 6.96 20.46
N ASP A 40 2.74 8.09 20.65
CA ASP A 40 2.32 8.50 21.98
C ASP A 40 1.08 7.72 22.40
N MET A 41 1.26 6.81 23.36
CA MET A 41 0.16 5.98 23.84
N ASN A 50 -3.99 -1.17 19.63
CA ASN A 50 -3.62 -0.97 18.23
C ASN A 50 -2.13 -1.24 18.00
N ILE A 51 -1.28 -0.57 18.76
CA ILE A 51 0.16 -0.73 18.61
C ILE A 51 0.67 -2.15 18.91
N LYS A 52 0.06 -2.81 19.89
CA LYS A 52 0.46 -4.18 20.22
C LYS A 52 0.29 -5.09 19.00
N LYS A 53 -0.85 -4.95 18.33
CA LYS A 53 -1.15 -5.75 17.16
C LYS A 53 -0.18 -5.44 16.02
N GLU A 54 0.08 -4.15 15.80
CA GLU A 54 1.01 -3.73 14.75
C GLU A 54 2.39 -4.38 14.97
N ILE A 55 2.80 -4.45 16.22
CA ILE A 55 4.06 -5.07 16.53
C ILE A 55 4.02 -6.58 16.25
N CYS A 56 2.94 -7.22 16.67
N CYS A 56 2.93 -7.21 16.66
CA CYS A 56 2.79 -8.66 16.45
CA CYS A 56 2.75 -8.64 16.46
C CYS A 56 2.85 -9.03 14.97
C CYS A 56 2.87 -9.01 14.98
N ILE A 57 2.16 -8.25 14.14
CA ILE A 57 2.18 -8.50 12.72
C ILE A 57 3.55 -8.23 12.11
N ASN A 58 4.18 -7.14 12.53
CA ASN A 58 5.51 -6.80 12.05
C ASN A 58 6.52 -7.92 12.29
N LYS A 59 6.40 -8.62 13.41
CA LYS A 59 7.33 -9.69 13.73
C LYS A 59 7.25 -10.86 12.78
N MET A 60 6.15 -10.94 12.04
CA MET A 60 5.94 -12.04 11.09
C MET A 60 6.55 -11.76 9.74
N LEU A 61 6.89 -10.51 9.49
CA LEU A 61 7.32 -10.07 8.15
C LEU A 61 8.77 -10.21 7.78
N ASN A 62 9.01 -10.86 6.65
CA ASN A 62 10.36 -11.04 6.13
C ASN A 62 10.33 -11.14 4.61
N HIS A 63 10.37 -9.98 3.95
CA HIS A 63 10.33 -9.94 2.48
C HIS A 63 10.99 -8.67 1.97
N GLU A 64 11.64 -8.77 0.82
CA GLU A 64 12.35 -7.64 0.26
C GLU A 64 11.51 -6.45 -0.12
N ASN A 65 10.19 -6.65 -0.26
CA ASN A 65 9.30 -5.53 -0.62
C ASN A 65 8.39 -5.16 0.54
N VAL A 66 8.83 -5.43 1.77
CA VAL A 66 8.10 -5.07 2.97
C VAL A 66 9.12 -4.47 3.96
N VAL A 67 8.81 -3.32 4.55
CA VAL A 67 9.70 -2.71 5.53
C VAL A 67 9.99 -3.72 6.65
N LYS A 68 11.27 -4.01 6.88
CA LYS A 68 11.65 -4.97 7.92
C LYS A 68 11.51 -4.38 9.32
N PHE A 69 11.17 -5.24 10.28
CA PHE A 69 10.98 -4.83 11.67
C PHE A 69 12.16 -5.35 12.47
N TYR A 70 12.82 -4.46 13.19
CA TYR A 70 14.00 -4.84 13.99
C TYR A 70 13.70 -5.06 15.48
N GLY A 71 12.69 -4.36 15.99
CA GLY A 71 12.33 -4.47 17.40
C GLY A 71 11.50 -3.29 17.91
N HIS A 72 11.22 -3.28 19.21
CA HIS A 72 10.43 -2.22 19.82
C HIS A 72 10.86 -1.95 21.26
N ARG A 73 10.43 -0.81 21.80
CA ARG A 73 10.75 -0.44 23.17
C ARG A 73 9.72 0.54 23.70
N ARG A 74 9.28 0.30 24.93
CA ARG A 74 8.31 1.18 25.58
C ARG A 74 8.94 1.84 26.79
N GLU A 75 9.05 3.16 26.75
CA GLU A 75 9.63 3.92 27.85
C GLU A 75 8.57 4.85 28.46
N GLY A 76 7.58 4.25 29.10
CA GLY A 76 6.48 5.00 29.71
C GLY A 76 5.19 4.82 28.92
N ASN A 77 4.68 5.92 28.38
CA ASN A 77 3.46 5.87 27.58
C ASN A 77 3.82 6.05 26.10
N ILE A 78 5.12 6.10 25.82
CA ILE A 78 5.60 6.26 24.46
C ILE A 78 6.18 4.96 23.92
N GLN A 79 5.65 4.49 22.81
CA GLN A 79 6.12 3.26 22.19
C GLN A 79 7.08 3.59 21.05
N TYR A 80 8.16 2.83 20.96
CA TYR A 80 9.17 3.02 19.92
C TYR A 80 9.29 1.78 19.04
N LEU A 81 9.15 1.98 17.73
CA LEU A 81 9.28 0.89 16.78
C LEU A 81 10.52 1.10 15.91
N PHE A 82 11.36 0.09 15.82
CA PHE A 82 12.60 0.18 15.05
C PHE A 82 12.43 -0.54 13.71
N LEU A 83 12.52 0.25 12.62
CA LEU A 83 12.25 -0.25 11.27
C LEU A 83 13.33 0.01 10.24
N GLU A 84 13.29 -0.78 9.16
CA GLU A 84 14.21 -0.62 8.06
C GLU A 84 14.05 0.80 7.47
N TYR A 85 15.16 1.53 7.40
CA TYR A 85 15.14 2.89 6.86
C TYR A 85 15.06 2.92 5.34
N CYS A 86 14.11 3.69 4.82
CA CYS A 86 13.90 3.78 3.38
C CYS A 86 14.24 5.20 2.94
N SER A 87 15.49 5.42 2.56
CA SER A 87 15.96 6.75 2.25
C SER A 87 15.33 7.46 1.08
N GLY A 88 14.63 6.70 0.22
CA GLY A 88 13.96 7.25 -0.93
C GLY A 88 12.61 7.88 -0.58
N GLY A 89 12.16 7.69 0.67
CA GLY A 89 10.91 8.30 1.13
C GLY A 89 9.64 7.65 0.53
N GLU A 90 8.56 8.42 0.52
CA GLU A 90 7.25 7.91 0.07
C GLU A 90 7.11 7.89 -1.41
N LEU A 91 6.46 6.83 -1.90
CA LEU A 91 6.12 6.77 -3.32
C LEU A 91 5.23 7.98 -3.69
N PHE A 92 4.43 8.46 -2.73
CA PHE A 92 3.56 9.61 -2.96
C PHE A 92 4.34 10.79 -3.57
N ASP A 93 5.55 11.00 -3.07
CA ASP A 93 6.37 12.14 -3.51
C ASP A 93 7.03 11.96 -4.86
N ARG A 94 6.88 10.78 -5.47
CA ARG A 94 7.39 10.53 -6.82
C ARG A 94 6.29 10.74 -7.85
N ILE A 95 5.05 11.02 -7.38
CA ILE A 95 3.94 11.19 -8.26
C ILE A 95 3.75 12.68 -8.51
N GLU A 96 3.96 13.12 -9.75
CA GLU A 96 3.80 14.54 -10.08
C GLU A 96 2.34 14.85 -10.29
N PRO A 97 1.79 15.82 -9.53
CA PRO A 97 0.38 16.14 -9.68
C PRO A 97 -0.06 16.39 -11.14
N ASP A 98 -1.14 15.72 -11.55
CA ASP A 98 -1.70 15.80 -12.88
C ASP A 98 -0.89 15.15 -14.00
N ILE A 99 0.25 14.59 -13.64
CA ILE A 99 1.11 13.96 -14.61
C ILE A 99 1.34 12.47 -14.27
N GLY A 100 1.74 12.19 -13.04
CA GLY A 100 2.04 10.80 -12.67
C GLY A 100 3.57 10.64 -12.71
N MET A 101 4.03 9.67 -13.50
CA MET A 101 5.44 9.39 -13.66
C MET A 101 5.59 8.58 -14.95
N PRO A 102 6.82 8.40 -15.40
CA PRO A 102 7.02 7.64 -16.63
C PRO A 102 6.48 6.21 -16.47
N GLU A 103 5.79 5.74 -17.50
CA GLU A 103 5.21 4.42 -17.47
C GLU A 103 6.18 3.30 -17.03
N PRO A 104 7.41 3.28 -17.52
CA PRO A 104 8.31 2.19 -17.10
C PRO A 104 8.58 2.21 -15.60
N ASP A 105 8.64 3.39 -15.00
N ASP A 105 8.63 3.41 -15.03
CA ASP A 105 8.86 3.46 -13.54
CA ASP A 105 8.85 3.58 -13.59
C ASP A 105 7.61 2.94 -12.83
C ASP A 105 7.64 3.03 -12.82
N ALA A 106 6.44 3.34 -13.33
CA ALA A 106 5.20 2.90 -12.70
C ALA A 106 5.06 1.39 -12.77
N GLN A 107 5.44 0.80 -13.90
CA GLN A 107 5.36 -0.63 -14.07
C GLN A 107 6.30 -1.35 -13.09
N ARG A 108 7.52 -0.83 -12.95
CA ARG A 108 8.49 -1.46 -12.05
C ARG A 108 7.97 -1.38 -10.59
N PHE A 109 7.48 -0.22 -10.19
CA PHE A 109 6.93 -0.09 -8.84
C PHE A 109 5.73 -1.06 -8.68
N PHE A 110 4.88 -1.16 -9.71
CA PHE A 110 3.73 -2.05 -9.62
C PHE A 110 4.16 -3.53 -9.48
N HIS A 111 5.18 -3.93 -10.23
CA HIS A 111 5.68 -5.31 -10.10
C HIS A 111 6.13 -5.55 -8.64
N GLN A 112 6.82 -4.57 -8.07
CA GLN A 112 7.33 -4.73 -6.70
C GLN A 112 6.22 -4.72 -5.67
N LEU A 113 5.20 -3.88 -5.91
CA LEU A 113 4.06 -3.83 -5.04
C LEU A 113 3.36 -5.19 -5.07
N MET A 114 3.18 -5.76 -6.27
CA MET A 114 2.55 -7.09 -6.37
C MET A 114 3.38 -8.12 -5.63
N ALA A 115 4.71 -8.06 -5.76
CA ALA A 115 5.51 -9.05 -5.06
C ALA A 115 5.29 -8.98 -3.55
N GLY A 116 5.25 -7.76 -3.01
CA GLY A 116 5.05 -7.62 -1.57
C GLY A 116 3.64 -8.07 -1.17
N VAL A 117 2.62 -7.72 -1.97
CA VAL A 117 1.27 -8.14 -1.65
C VAL A 117 1.09 -9.65 -1.72
N VAL A 118 1.66 -10.28 -2.75
CA VAL A 118 1.60 -11.75 -2.84
C VAL A 118 2.20 -12.35 -1.58
N TYR A 119 3.33 -11.78 -1.14
CA TYR A 119 3.98 -12.29 0.07
C TYR A 119 3.05 -12.19 1.30
N LEU A 120 2.45 -11.00 1.48
CA LEU A 120 1.59 -10.82 2.63
C LEU A 120 0.42 -11.76 2.58
N HIS A 121 -0.27 -11.79 1.46
CA HIS A 121 -1.42 -12.68 1.33
C HIS A 121 -1.02 -14.15 1.56
N GLY A 122 0.20 -14.51 1.14
CA GLY A 122 0.67 -15.90 1.31
C GLY A 122 0.79 -16.29 2.77
N ILE A 123 1.08 -15.32 3.62
CA ILE A 123 1.20 -15.61 5.06
C ILE A 123 -0.07 -15.25 5.79
N GLY A 124 -1.13 -14.97 5.02
CA GLY A 124 -2.45 -14.72 5.61
C GLY A 124 -2.65 -13.33 6.22
N ILE A 125 -1.82 -12.38 5.77
CA ILE A 125 -1.93 -11.00 6.26
C ILE A 125 -2.51 -10.08 5.19
N THR A 126 -3.47 -9.22 5.58
CA THR A 126 -3.96 -8.20 4.67
C THR A 126 -3.57 -6.84 5.23
N HIS A 127 -3.07 -5.96 4.37
CA HIS A 127 -2.60 -4.66 4.79
C HIS A 127 -3.70 -3.67 5.15
N ARG A 128 -4.72 -3.61 4.29
CA ARG A 128 -5.92 -2.79 4.52
C ARG A 128 -5.77 -1.31 4.34
N ASP A 129 -4.58 -0.82 4.02
CA ASP A 129 -4.38 0.61 3.82
C ASP A 129 -3.28 0.92 2.80
N ILE A 130 -3.33 0.20 1.69
CA ILE A 130 -2.36 0.43 0.65
C ILE A 130 -2.62 1.75 -0.05
N LYS A 131 -1.58 2.60 -0.11
CA LYS A 131 -1.65 3.90 -0.77
C LYS A 131 -0.23 4.40 -0.88
N PRO A 132 0.02 5.39 -1.73
CA PRO A 132 1.41 5.83 -1.94
C PRO A 132 2.14 6.35 -0.70
N GLU A 133 1.40 6.84 0.28
CA GLU A 133 1.99 7.32 1.51
C GLU A 133 2.53 6.18 2.35
N ASN A 134 2.07 4.95 2.06
CA ASN A 134 2.45 3.76 2.81
C ASN A 134 3.27 2.80 1.97
N LEU A 135 3.89 3.33 0.93
CA LEU A 135 4.79 2.54 0.07
C LEU A 135 6.06 3.37 0.01
N LEU A 136 7.13 2.84 0.59
CA LEU A 136 8.40 3.59 0.68
C LEU A 136 9.43 3.05 -0.30
N LEU A 137 10.47 3.85 -0.52
CA LEU A 137 11.51 3.50 -1.47
C LEU A 137 12.85 3.51 -0.75
N ASP A 138 13.65 2.47 -1.00
CA ASP A 138 14.99 2.41 -0.40
C ASP A 138 15.99 3.19 -1.27
N GLU A 139 17.26 3.13 -0.93
CA GLU A 139 18.27 3.87 -1.68
C GLU A 139 18.43 3.48 -3.16
N ARG A 140 17.89 2.32 -3.54
CA ARG A 140 17.93 1.87 -4.93
C ARG A 140 16.55 1.94 -5.59
N ASP A 141 15.63 2.65 -4.94
CA ASP A 141 14.27 2.83 -5.45
C ASP A 141 13.47 1.53 -5.49
N ASN A 142 13.79 0.63 -4.57
CA ASN A 142 13.01 -0.59 -4.41
C ASN A 142 11.86 -0.25 -3.48
N LEU A 143 10.65 -0.66 -3.88
CA LEU A 143 9.47 -0.39 -3.11
C LEU A 143 9.32 -1.31 -1.90
N LYS A 144 8.90 -0.72 -0.77
CA LYS A 144 8.72 -1.44 0.47
C LYS A 144 7.35 -1.07 1.07
N ILE A 145 6.48 -2.05 1.25
CA ILE A 145 5.20 -1.80 1.89
C ILE A 145 5.43 -1.48 3.36
N SER A 146 4.76 -0.44 3.85
CA SER A 146 4.98 0.08 5.18
C SER A 146 3.66 0.36 5.91
N ASP A 147 3.75 0.61 7.22
CA ASP A 147 2.62 1.11 8.02
C ASP A 147 1.53 0.03 8.19
N PHE A 148 1.83 -0.93 9.06
CA PHE A 148 0.93 -2.06 9.32
C PHE A 148 -0.08 -1.88 10.46
N GLY A 149 -0.33 -0.62 10.83
CA GLY A 149 -1.26 -0.31 11.90
C GLY A 149 -2.71 -0.74 11.66
N LEU A 150 -3.09 -0.97 10.41
CA LEU A 150 -4.46 -1.41 10.09
C LEU A 150 -4.47 -2.86 9.62
N ALA A 151 -3.30 -3.49 9.52
CA ALA A 151 -3.21 -4.85 9.01
C ALA A 151 -3.86 -5.86 9.95
N THR A 152 -4.31 -6.98 9.39
CA THR A 152 -4.89 -8.02 10.21
C THR A 152 -4.73 -9.39 9.56
N VAL A 153 -5.00 -10.44 10.31
CA VAL A 153 -4.95 -11.80 9.80
C VAL A 153 -6.27 -12.12 9.11
N PHE A 154 -6.19 -12.63 7.89
CA PHE A 154 -7.38 -13.04 7.20
C PHE A 154 -7.34 -14.58 6.93
N ARG A 155 -6.21 -15.22 7.18
CA ARG A 155 -6.14 -16.68 6.97
C ARG A 155 -5.29 -17.23 8.07
N TYR A 156 -5.77 -18.29 8.73
CA TYR A 156 -5.03 -18.88 9.83
C TYR A 156 -5.37 -20.37 9.81
N ASN A 157 -4.35 -21.21 9.92
CA ASN A 157 -4.54 -22.66 9.83
C ASN A 157 -5.29 -23.02 8.54
N ASN A 158 -4.96 -22.30 7.49
CA ASN A 158 -5.54 -22.54 6.16
C ASN A 158 -7.04 -22.30 6.07
N ARG A 159 -7.59 -21.55 7.01
CA ARG A 159 -9.00 -21.22 6.98
C ARG A 159 -9.12 -19.68 6.86
N GLU A 160 -9.88 -19.24 5.86
CA GLU A 160 -10.06 -17.83 5.66
C GLU A 160 -11.13 -17.27 6.57
N ARG A 161 -10.89 -16.06 7.04
N ARG A 161 -10.90 -16.07 7.07
CA ARG A 161 -11.84 -15.33 7.84
CA ARG A 161 -11.92 -15.38 7.86
C ARG A 161 -12.29 -14.11 7.02
C ARG A 161 -12.29 -14.09 7.13
N LEU A 162 -13.58 -13.88 6.97
CA LEU A 162 -14.12 -12.71 6.26
C LEU A 162 -13.92 -11.48 7.16
N LEU A 163 -13.72 -10.32 6.54
CA LEU A 163 -13.54 -9.09 7.29
C LEU A 163 -14.88 -8.40 7.42
N ASN A 164 -15.02 -7.54 8.41
CA ASN A 164 -16.25 -6.73 8.55
C ASN A 164 -15.91 -5.28 8.98
N LYS A 165 -14.70 -5.06 9.42
CA LYS A 165 -14.32 -3.74 9.86
C LYS A 165 -14.13 -2.78 8.70
N MET A 166 -14.77 -1.62 8.78
N MET A 166 -14.76 -1.62 8.78
CA MET A 166 -14.58 -0.60 7.75
CA MET A 166 -14.56 -0.60 7.76
C MET A 166 -13.32 0.19 8.15
C MET A 166 -13.31 0.18 8.16
N CYS A 167 -12.29 0.11 7.32
CA CYS A 167 -11.06 0.81 7.60
C CYS A 167 -10.31 1.03 6.29
N GLY A 168 -9.30 1.87 6.34
CA GLY A 168 -8.57 2.23 5.13
C GLY A 168 -8.63 3.74 4.90
N THR A 169 -8.55 4.13 3.63
CA THR A 169 -8.53 5.54 3.21
C THR A 169 -9.50 5.63 2.03
N LEU A 170 -10.56 6.43 2.16
CA LEU A 170 -11.64 6.46 1.20
C LEU A 170 -11.34 6.35 -0.31
N PRO A 171 -10.45 7.18 -0.84
CA PRO A 171 -10.20 7.12 -2.28
C PRO A 171 -9.61 5.78 -2.71
N TYR A 172 -9.02 5.04 -1.75
CA TYR A 172 -8.38 3.77 -2.03
C TYR A 172 -9.21 2.55 -1.69
N VAL A 173 -10.30 2.74 -0.94
N VAL A 173 -10.30 2.74 -0.95
CA VAL A 173 -11.11 1.61 -0.50
CA VAL A 173 -11.10 1.64 -0.47
C VAL A 173 -11.96 1.01 -1.59
C VAL A 173 -12.00 1.03 -1.54
N ALA A 174 -12.17 -0.30 -1.49
CA ALA A 174 -13.01 -0.99 -2.46
C ALA A 174 -14.50 -0.78 -2.15
N PRO A 175 -15.32 -0.79 -3.18
CA PRO A 175 -16.75 -0.50 -2.99
C PRO A 175 -17.47 -1.45 -2.06
N GLU A 176 -17.06 -2.72 -2.03
CA GLU A 176 -17.75 -3.68 -1.16
C GLU A 176 -17.59 -3.33 0.31
N LEU A 177 -16.51 -2.65 0.68
N LEU A 177 -16.49 -2.68 0.65
CA LEU A 177 -16.33 -2.28 2.08
CA LEU A 177 -16.23 -2.31 2.00
C LEU A 177 -17.41 -1.33 2.51
C LEU A 177 -17.25 -1.25 2.51
N LEU A 178 -17.82 -0.48 1.58
CA LEU A 178 -18.82 0.53 1.90
C LEU A 178 -20.24 -0.04 1.91
N LYS A 179 -20.44 -1.10 1.14
CA LYS A 179 -21.78 -1.63 0.93
C LYS A 179 -22.16 -2.92 1.64
N ARG A 180 -21.16 -3.76 1.94
CA ARG A 180 -21.42 -5.08 2.49
C ARG A 180 -21.01 -5.24 3.93
N ARG A 181 -21.76 -6.08 4.65
CA ARG A 181 -21.45 -6.35 6.05
C ARG A 181 -20.13 -7.11 6.21
N GLU A 182 -19.90 -8.07 5.31
CA GLU A 182 -18.67 -8.88 5.33
C GLU A 182 -18.08 -8.95 3.94
N PHE A 183 -16.77 -9.11 3.86
CA PHE A 183 -16.11 -9.18 2.56
C PHE A 183 -14.78 -9.89 2.65
N HIS A 184 -14.32 -10.43 1.52
CA HIS A 184 -13.03 -11.10 1.45
C HIS A 184 -11.91 -10.07 1.47
N ALA A 185 -10.83 -10.39 2.16
CA ALA A 185 -9.71 -9.47 2.30
C ALA A 185 -8.93 -9.22 1.04
N GLU A 186 -8.57 -10.27 0.33
CA GLU A 186 -7.67 -10.11 -0.82
C GLU A 186 -8.13 -9.14 -1.90
N PRO A 187 -9.38 -9.23 -2.35
CA PRO A 187 -9.81 -8.31 -3.41
C PRO A 187 -9.75 -6.85 -2.97
N VAL A 188 -9.87 -6.59 -1.66
CA VAL A 188 -9.81 -5.20 -1.18
C VAL A 188 -8.41 -4.66 -1.42
N ASP A 189 -7.38 -5.44 -1.08
CA ASP A 189 -6.01 -4.99 -1.30
C ASP A 189 -5.70 -4.91 -2.83
N VAL A 190 -6.29 -5.80 -3.65
CA VAL A 190 -6.09 -5.71 -5.09
C VAL A 190 -6.64 -4.36 -5.60
N TRP A 191 -7.83 -4.00 -5.13
CA TRP A 191 -8.43 -2.75 -5.54
C TRP A 191 -7.55 -1.54 -5.21
N SER A 192 -7.06 -1.44 -3.97
N SER A 192 -7.04 -1.47 -3.96
CA SER A 192 -6.23 -0.30 -3.65
CA SER A 192 -6.20 -0.35 -3.58
C SER A 192 -4.97 -0.26 -4.52
C SER A 192 -4.93 -0.27 -4.43
N CYS A 193 -4.41 -1.42 -4.85
CA CYS A 193 -3.25 -1.45 -5.73
C CYS A 193 -3.62 -0.82 -7.07
N GLY A 194 -4.85 -1.08 -7.54
CA GLY A 194 -5.33 -0.50 -8.81
C GLY A 194 -5.43 1.04 -8.70
N ILE A 195 -5.87 1.52 -7.55
CA ILE A 195 -5.96 2.98 -7.36
C ILE A 195 -4.54 3.55 -7.33
N VAL A 196 -3.59 2.87 -6.66
CA VAL A 196 -2.20 3.35 -6.66
C VAL A 196 -1.67 3.40 -8.12
N LEU A 197 -1.98 2.37 -8.93
CA LEU A 197 -1.51 2.34 -10.31
C LEU A 197 -2.09 3.52 -11.09
N THR A 198 -3.37 3.80 -10.86
CA THR A 198 -4.01 4.93 -11.54
C THR A 198 -3.29 6.23 -11.16
N ALA A 199 -3.02 6.41 -9.88
CA ALA A 199 -2.31 7.61 -9.41
C ALA A 199 -0.95 7.73 -10.05
N MET A 200 -0.24 6.62 -10.15
CA MET A 200 1.09 6.67 -10.73
C MET A 200 1.08 7.06 -12.18
N LEU A 201 0.05 6.65 -12.92
CA LEU A 201 0.00 6.89 -14.36
C LEU A 201 -0.71 8.20 -14.75
N ALA A 202 -1.45 8.81 -13.82
CA ALA A 202 -2.24 9.99 -14.17
C ALA A 202 -1.99 11.14 -13.25
N GLY A 203 -1.36 10.91 -12.09
CA GLY A 203 -1.07 11.98 -11.13
C GLY A 203 -2.35 12.54 -10.49
N GLU A 204 -3.38 11.71 -10.40
CA GLU A 204 -4.60 12.10 -9.74
C GLU A 204 -5.38 10.87 -9.35
N LEU A 205 -6.20 11.00 -8.31
CA LEU A 205 -7.07 9.91 -7.86
C LEU A 205 -8.39 10.01 -8.64
N PRO A 206 -8.96 8.87 -9.02
CA PRO A 206 -10.16 8.87 -9.86
C PRO A 206 -11.45 9.35 -9.18
N TRP A 207 -11.57 9.16 -7.86
CA TRP A 207 -12.80 9.54 -7.15
C TRP A 207 -12.56 9.70 -5.68
N ASP A 208 -13.45 10.45 -5.03
CA ASP A 208 -13.39 10.65 -3.60
C ASP A 208 -13.63 9.30 -2.88
N GLN A 209 -14.52 8.49 -3.44
CA GLN A 209 -14.86 7.17 -2.89
C GLN A 209 -15.70 6.46 -3.91
N PRO A 210 -15.67 5.13 -3.94
CA PRO A 210 -16.42 4.39 -4.96
C PRO A 210 -17.84 4.11 -4.48
N SER A 211 -18.61 5.19 -4.35
N SER A 211 -18.62 5.18 -4.33
CA SER A 211 -19.98 5.09 -3.88
CA SER A 211 -19.98 5.05 -3.88
C SER A 211 -20.98 5.37 -5.00
C SER A 211 -20.97 5.37 -5.00
N ASP A 212 -22.21 4.89 -4.83
CA ASP A 212 -23.26 5.11 -5.81
C ASP A 212 -23.53 6.60 -6.01
N SER A 213 -23.22 7.40 -5.00
CA SER A 213 -23.45 8.83 -5.08
C SER A 213 -22.27 9.64 -5.64
N CYS A 214 -21.14 8.97 -5.91
CA CYS A 214 -19.97 9.68 -6.44
C CYS A 214 -19.99 9.68 -7.98
N GLN A 215 -20.18 10.88 -8.57
CA GLN A 215 -20.26 11.01 -10.01
C GLN A 215 -19.08 10.41 -10.78
N GLU A 216 -17.87 10.63 -10.28
CA GLU A 216 -16.67 10.14 -10.97
C GLU A 216 -16.63 8.61 -10.98
N TYR A 217 -17.18 7.99 -9.92
CA TYR A 217 -17.26 6.53 -9.88
C TYR A 217 -18.34 6.04 -10.85
N SER A 218 -19.46 6.77 -10.94
CA SER A 218 -20.51 6.38 -11.90
C SER A 218 -19.98 6.49 -13.31
N ASP A 219 -19.23 7.55 -13.58
CA ASP A 219 -18.66 7.74 -14.91
C ASP A 219 -17.78 6.54 -15.31
N TRP A 220 -16.99 6.05 -14.36
CA TRP A 220 -16.14 4.90 -14.64
C TRP A 220 -16.98 3.65 -14.91
N LYS A 221 -18.02 3.45 -14.09
CA LYS A 221 -18.88 2.28 -14.27
C LYS A 221 -19.58 2.38 -15.65
N GLU A 222 -19.76 3.61 -16.14
CA GLU A 222 -20.37 3.84 -17.45
C GLU A 222 -19.34 3.84 -18.58
N LYS A 223 -18.10 3.48 -18.26
CA LYS A 223 -17.03 3.36 -19.25
C LYS A 223 -16.65 4.64 -19.99
N LYS A 224 -16.81 5.78 -19.33
CA LYS A 224 -16.47 7.06 -19.94
C LYS A 224 -14.97 7.31 -19.81
N THR A 225 -14.19 6.47 -20.48
CA THR A 225 -12.75 6.54 -20.41
C THR A 225 -12.15 7.67 -21.24
N TYR A 226 -13.01 8.49 -21.85
CA TYR A 226 -12.53 9.64 -22.60
C TYR A 226 -12.31 10.81 -21.64
N LEU A 227 -12.69 10.59 -20.36
CA LEU A 227 -12.50 11.58 -19.31
C LEU A 227 -11.22 11.29 -18.51
N ASN A 228 -10.73 12.28 -17.79
CA ASN A 228 -9.56 12.10 -16.92
C ASN A 228 -10.09 11.33 -15.70
N PRO A 229 -9.25 10.55 -15.03
CA PRO A 229 -7.83 10.39 -15.36
C PRO A 229 -7.57 9.39 -16.48
N TRP A 230 -8.58 8.62 -16.84
CA TRP A 230 -8.44 7.55 -17.82
C TRP A 230 -7.83 7.99 -19.15
N LYS A 231 -8.20 9.17 -19.62
CA LYS A 231 -7.73 9.68 -20.90
C LYS A 231 -6.21 9.75 -20.97
N LYS A 232 -5.58 9.94 -19.81
CA LYS A 232 -4.12 10.07 -19.70
C LYS A 232 -3.37 8.75 -19.71
N ILE A 233 -4.09 7.67 -19.58
CA ILE A 233 -3.50 6.36 -19.45
C ILE A 233 -3.52 5.56 -20.74
N ASP A 234 -2.36 5.01 -21.11
CA ASP A 234 -2.26 4.24 -22.33
C ASP A 234 -3.24 3.06 -22.31
N SER A 235 -3.65 2.60 -23.49
CA SER A 235 -4.64 1.53 -23.57
C SER A 235 -4.24 0.26 -22.85
N ALA A 236 -2.95 -0.09 -22.89
CA ALA A 236 -2.51 -1.33 -22.27
C ALA A 236 -2.71 -1.33 -20.72
N PRO A 237 -2.14 -0.36 -20.01
CA PRO A 237 -2.36 -0.36 -18.55
C PRO A 237 -3.82 -0.06 -18.26
N LEU A 238 -4.50 0.69 -19.12
CA LEU A 238 -5.91 0.95 -18.89
C LEU A 238 -6.70 -0.34 -18.94
N ALA A 239 -6.31 -1.28 -19.79
CA ALA A 239 -7.01 -2.54 -19.88
C ALA A 239 -6.83 -3.32 -18.57
N LEU A 240 -5.66 -3.22 -17.94
CA LEU A 240 -5.45 -3.86 -16.65
C LEU A 240 -6.36 -3.18 -15.59
N LEU A 241 -6.40 -1.86 -15.60
CA LEU A 241 -7.27 -1.16 -14.64
C LEU A 241 -8.74 -1.55 -14.81
N HIS A 242 -9.17 -1.82 -16.05
CA HIS A 242 -10.55 -2.27 -16.27
C HIS A 242 -10.82 -3.59 -15.56
N LYS A 243 -9.78 -4.43 -15.39
CA LYS A 243 -9.95 -5.74 -14.74
C LYS A 243 -9.82 -5.64 -13.20
N ILE A 244 -9.05 -4.65 -12.73
CA ILE A 244 -8.85 -4.48 -11.29
C ILE A 244 -10.02 -3.70 -10.66
N LEU A 245 -10.41 -2.59 -11.28
CA LEU A 245 -11.43 -1.71 -10.70
C LEU A 245 -12.85 -2.15 -11.09
N VAL A 246 -13.13 -3.41 -10.77
CA VAL A 246 -14.41 -4.09 -11.05
C VAL A 246 -15.20 -4.08 -9.76
N GLU A 247 -16.44 -3.57 -9.81
CA GLU A 247 -17.25 -3.42 -8.62
C GLU A 247 -17.47 -4.72 -7.81
N ASN A 248 -17.83 -5.79 -8.49
CA ASN A 248 -18.10 -7.07 -7.85
C ASN A 248 -16.75 -7.72 -7.49
N PRO A 249 -16.44 -7.82 -6.20
CA PRO A 249 -15.13 -8.39 -5.83
C PRO A 249 -14.97 -9.83 -6.25
N SER A 250 -16.08 -10.55 -6.47
CA SER A 250 -15.96 -11.94 -6.86
C SER A 250 -15.56 -12.09 -8.33
N ALA A 251 -15.79 -11.01 -9.11
CA ALA A 251 -15.43 -11.00 -10.54
C ALA A 251 -14.12 -10.25 -10.79
N ARG A 252 -13.65 -9.54 -9.77
CA ARG A 252 -12.40 -8.76 -9.88
C ARG A 252 -11.19 -9.67 -10.13
N ILE A 253 -10.24 -9.18 -10.90
CA ILE A 253 -9.08 -9.97 -11.23
C ILE A 253 -8.30 -10.30 -9.95
N THR A 254 -7.73 -11.50 -9.89
CA THR A 254 -6.90 -11.91 -8.77
C THR A 254 -5.45 -11.66 -9.14
N ILE A 255 -4.55 -11.70 -8.15
CA ILE A 255 -3.14 -11.48 -8.46
C ILE A 255 -2.54 -12.48 -9.46
N PRO A 256 -2.88 -13.77 -9.35
CA PRO A 256 -2.31 -14.69 -10.33
C PRO A 256 -2.66 -14.29 -11.76
N ASP A 257 -3.85 -13.71 -11.95
CA ASP A 257 -4.24 -13.29 -13.29
C ASP A 257 -3.64 -11.91 -13.66
N ILE A 258 -3.38 -11.07 -12.66
CA ILE A 258 -2.72 -9.81 -12.94
C ILE A 258 -1.33 -10.13 -13.51
N LYS A 259 -0.71 -11.19 -12.97
CA LYS A 259 0.64 -11.58 -13.41
C LYS A 259 0.67 -12.06 -14.84
N LYS A 260 -0.51 -12.34 -15.39
CA LYS A 260 -0.65 -12.78 -16.79
C LYS A 260 -1.10 -11.67 -17.72
N ASP A 261 -1.34 -10.49 -17.16
CA ASP A 261 -1.81 -9.39 -17.95
C ASP A 261 -0.81 -8.90 -18.99
N ARG A 262 -1.31 -8.46 -20.12
CA ARG A 262 -0.45 -7.99 -21.20
C ARG A 262 0.47 -6.84 -20.78
N TRP A 263 -0.10 -5.77 -20.23
CA TRP A 263 0.74 -4.66 -19.81
C TRP A 263 1.73 -5.09 -18.72
N TYR A 264 1.25 -5.87 -17.75
CA TYR A 264 2.11 -6.32 -16.67
C TYR A 264 3.39 -7.00 -17.25
N ASN A 265 3.22 -7.69 -18.39
CA ASN A 265 4.35 -8.40 -19.00
C ASN A 265 5.00 -7.68 -20.18
N LYS A 266 4.67 -6.40 -20.41
CA LYS A 266 5.23 -5.67 -21.53
C LYS A 266 6.63 -5.17 -21.18
N PRO A 267 7.61 -5.44 -22.03
CA PRO A 267 8.94 -4.93 -21.72
C PRO A 267 8.91 -3.40 -21.93
N LEU A 268 9.36 -2.65 -20.93
CA LEU A 268 9.38 -1.20 -21.02
C LEU A 268 10.73 -0.64 -20.54
N LYS A 269 11.02 0.57 -20.98
CA LYS A 269 12.22 1.29 -20.55
C LYS A 269 12.17 2.71 -21.11
N LYS A 270 12.71 3.65 -20.34
CA LYS A 270 12.70 5.05 -20.73
C LYS A 270 13.57 5.32 -21.96
N GLY A 271 13.44 6.53 -22.52
C01 C70 B . 9.57 8.61 5.81
C02 C70 B . 10.88 8.52 5.32
S03 C70 B . 11.61 7.04 5.72
C04 C70 B . 10.20 6.46 6.54
C05 C70 B . 9.19 7.42 6.48
C06 C70 B . 10.01 5.28 7.14
N07 C70 B . 8.80 5.02 7.72
N08 C70 B . 7.79 5.91 7.65
C09 C70 B . 7.91 7.09 7.06
N10 C70 B . 6.86 7.97 6.99
C11 C70 B . 11.63 9.56 4.65
C12 C70 B . 11.02 4.27 7.12
C13 C70 B . 5.51 7.50 7.23
C14 C70 B . 4.96 6.87 5.90
N15 C70 B . 3.52 6.46 6.05
C16 C70 B . 2.70 7.63 6.37
C17 C70 B . 3.16 8.24 7.71
C18 C70 B . 4.63 8.71 7.56
C19 C70 B . 11.18 10.91 4.66
C20 C70 B . 11.97 11.90 4.06
C21 C70 B . 13.17 11.54 3.46
C22 C70 B . 13.63 10.22 3.46
C23 C70 B . 12.85 9.21 4.06
CL24 C70 B . 14.17 12.80 2.76
N25 C70 B . 10.69 3.06 7.59
O26 C70 B . 12.14 4.47 6.64
#